data_8I2P
#
_entry.id   8I2P
#
_cell.length_a   77.392
_cell.length_b   84.374
_cell.length_c   63.608
_cell.angle_alpha   90.00
_cell.angle_beta   100.77
_cell.angle_gamma   90.00
#
_symmetry.space_group_name_H-M   'C 1 2 1'
#
loop_
_entity.id
_entity.type
_entity.pdbx_description
1 polymer '4-hydroxyphenylpyruvate dioxygenase'
2 non-polymer 'COBALT (II) ION'
3 non-polymer 3-(cyclopropylmethyl)-6-[(5-cyclopropyl-2-methyl-3-oxidanylidene-1H-pyrazol-4-yl)carbonyl]-1,5-dimethyl-quinazoline-2,4-dione
4 water water
#
_entity_poly.entity_id   1
_entity_poly.type   'polypeptide(L)'
_entity_poly.pdbx_seq_one_letter_code
;GSHMVRKNPKSDKFKVKRFHHIEFWCGDATNVARRFSWGLGMRFSAKSDLSTGNMVHASYLLTSGDLRFLFTAPYSPSLS
AGEIKPTTTASIPSFDHGSCRSFFSSHGLGVRAVAIEVEDAESAFSISVANGAIPSSPPIVLNEAVTIAEVKLYGDVVLR
YVSYKAEDTEKSEFLPGFERVEDASSFPLDYGIRRLDHAVGNVPELGPALTYVAGFTGFHQFAEFTADDVGTAESGLNSA
VLASNDEMVLLPINEPVHGTKRKSQIQTYLEHNEGAGLQHLALMSEDIFRTLREMRKRSSIGGFDFMPSPPPTYYQNLKK
RVGDVLSDDQIKECEELGILVDRDDQGTLLQIFTKPLGDRPTIFIEIIQRVGCMMKDEEGKAYQSGGCGGFGKGNFSELF
KSIEEYEKTLEAKQLVG
;
_entity_poly.pdbx_strand_id   A
#
loop_
_chem_comp.id
_chem_comp.type
_chem_comp.name
_chem_comp.formula
CO non-polymer 'COBALT (II) ION' 'Co 2'
OAY non-polymer 3-(cyclopropylmethyl)-6-[(5-cyclopropyl-2-methyl-3-oxidanylidene-1H-pyrazol-4-yl)carbonyl]-1,5-dimethyl-quinazoline-2,4-dione 'C22 H24 N4 O4'
#
# COMPACT_ATOMS: atom_id res chain seq x y z
N LYS A 7 16.29 16.19 -9.99
CA LYS A 7 15.37 17.17 -10.53
C LYS A 7 13.98 16.57 -10.73
N ASN A 8 12.99 17.43 -10.99
CA ASN A 8 11.60 17.01 -11.15
C ASN A 8 11.07 17.60 -12.44
N PRO A 9 11.07 16.86 -13.54
CA PRO A 9 10.60 17.39 -14.83
C PRO A 9 9.09 17.60 -14.91
N LYS A 10 8.31 17.09 -13.95
CA LYS A 10 6.85 17.20 -13.95
C LYS A 10 6.25 16.75 -15.28
N SER A 11 6.53 15.50 -15.63
CA SER A 11 6.19 14.93 -16.92
C SER A 11 4.91 14.08 -16.91
N ASP A 12 4.16 14.09 -15.81
CA ASP A 12 2.86 13.39 -15.72
C ASP A 12 2.06 13.60 -17.00
N LYS A 13 1.62 12.51 -17.62
CA LYS A 13 0.90 12.65 -18.87
C LYS A 13 -0.57 12.98 -18.66
N PHE A 14 -1.03 12.98 -17.40
CA PHE A 14 -2.39 13.38 -17.07
C PHE A 14 -2.35 13.87 -15.63
N LYS A 15 -3.42 14.57 -15.22
CA LYS A 15 -3.44 15.20 -13.91
C LYS A 15 -3.73 14.15 -12.83
N VAL A 16 -2.80 13.96 -11.92
CA VAL A 16 -2.88 12.97 -10.85
C VAL A 16 -2.98 13.73 -9.52
N LYS A 17 -3.90 13.29 -8.66
CA LYS A 17 -4.05 13.95 -7.38
C LYS A 17 -3.36 13.15 -6.27
N ARG A 18 -4.10 12.32 -5.54
CA ARG A 18 -3.49 11.54 -4.48
C ARG A 18 -3.93 10.09 -4.59
N PHE A 19 -3.28 9.25 -3.76
CA PHE A 19 -3.78 7.90 -3.55
C PHE A 19 -5.23 7.97 -3.09
N HIS A 20 -6.07 7.08 -3.63
CA HIS A 20 -7.47 7.06 -3.28
C HIS A 20 -7.83 5.86 -2.39
N HIS A 21 -7.47 4.65 -2.81
CA HIS A 21 -7.69 3.50 -1.95
C HIS A 21 -6.81 2.36 -2.42
N ILE A 22 -6.71 1.33 -1.56
CA ILE A 22 -6.03 0.09 -1.86
C ILE A 22 -7.08 -1.00 -1.72
N GLU A 23 -7.22 -1.87 -2.74
CA GLU A 23 -8.21 -2.95 -2.70
C GLU A 23 -7.52 -4.31 -2.57
N PHE A 24 -7.90 -5.04 -1.52
CA PHE A 24 -7.45 -6.40 -1.30
C PHE A 24 -8.49 -7.37 -1.88
N TRP A 25 -8.03 -8.39 -2.58
CA TRP A 25 -8.90 -9.47 -3.00
C TRP A 25 -8.68 -10.63 -2.05
N CYS A 26 -9.78 -11.10 -1.47
CA CYS A 26 -9.75 -12.10 -0.42
C CYS A 26 -10.74 -13.21 -0.75
N GLY A 27 -10.75 -14.24 0.08
CA GLY A 27 -11.77 -15.22 -0.11
C GLY A 27 -12.94 -15.02 0.83
N ASP A 28 -12.65 -14.42 1.99
CA ASP A 28 -13.68 -13.97 2.92
C ASP A 28 -13.34 -12.54 3.36
N ALA A 29 -14.07 -11.57 2.80
CA ALA A 29 -13.76 -10.18 3.12
C ALA A 29 -14.04 -9.84 4.57
N THR A 30 -15.07 -10.45 5.17
CA THR A 30 -15.45 -10.14 6.55
C THR A 30 -14.31 -10.38 7.52
N ASN A 31 -13.73 -11.58 7.48
CA ASN A 31 -12.73 -11.89 8.50
C ASN A 31 -11.45 -11.08 8.31
N VAL A 32 -11.03 -10.87 7.06
CA VAL A 32 -9.83 -10.06 6.86
C VAL A 32 -10.08 -8.63 7.28
N ALA A 33 -11.24 -8.06 6.90
CA ALA A 33 -11.49 -6.66 7.27
C ALA A 33 -11.60 -6.51 8.78
N ARG A 34 -12.14 -7.50 9.48
CA ARG A 34 -12.24 -7.32 10.94
C ARG A 34 -10.87 -7.41 11.61
N ARG A 35 -10.04 -8.36 11.16
CA ARG A 35 -8.67 -8.46 11.67
C ARG A 35 -7.89 -7.17 11.41
N PHE A 36 -7.95 -6.65 10.18
CA PHE A 36 -7.22 -5.41 9.87
C PHE A 36 -7.74 -4.24 10.69
N SER A 37 -9.05 -4.16 10.88
CA SER A 37 -9.61 -3.01 11.60
C SER A 37 -9.09 -2.95 13.02
N TRP A 38 -9.06 -4.10 13.69
CA TRP A 38 -8.57 -4.16 15.06
C TRP A 38 -7.06 -3.99 15.11
N GLY A 39 -6.35 -4.62 14.17
CA GLY A 39 -4.90 -4.59 14.18
C GLY A 39 -4.31 -3.21 13.90
N LEU A 40 -4.94 -2.44 13.01
CA LEU A 40 -4.40 -1.18 12.52
C LEU A 40 -5.15 0.03 13.03
N GLY A 41 -6.31 -0.16 13.64
CA GLY A 41 -7.07 0.94 14.19
C GLY A 41 -7.80 1.71 13.12
N MET A 42 -8.46 0.97 12.24
CA MET A 42 -9.23 1.55 11.17
C MET A 42 -10.70 1.29 11.42
N ARG A 43 -11.52 2.28 11.08
CA ARG A 43 -12.95 2.21 11.31
C ARG A 43 -13.67 1.64 10.08
N PHE A 44 -14.77 0.93 10.32
CA PHE A 44 -15.64 0.46 9.24
C PHE A 44 -16.48 1.63 8.75
N SER A 45 -16.36 1.98 7.46
CA SER A 45 -17.07 3.18 7.01
C SER A 45 -18.08 2.95 5.90
N ALA A 46 -17.87 1.98 4.99
CA ALA A 46 -18.83 1.73 3.94
C ALA A 46 -18.85 0.25 3.60
N LYS A 47 -19.97 -0.19 3.02
CA LYS A 47 -20.13 -1.57 2.59
C LYS A 47 -20.93 -1.64 1.30
N SER A 48 -20.63 -2.66 0.50
CA SER A 48 -21.45 -3.06 -0.63
C SER A 48 -21.51 -4.58 -0.59
N ASP A 49 -22.69 -5.14 -0.36
CA ASP A 49 -22.83 -6.58 -0.18
C ASP A 49 -24.29 -6.96 -0.35
N LEU A 50 -24.64 -8.19 0.00
CA LEU A 50 -26.03 -8.63 -0.08
C LEU A 50 -26.98 -7.65 0.57
N SER A 51 -26.62 -7.11 1.75
CA SER A 51 -27.52 -6.18 2.42
C SER A 51 -27.75 -4.89 1.63
N THR A 52 -26.88 -4.58 0.67
CA THR A 52 -27.05 -3.39 -0.16
C THR A 52 -27.49 -3.72 -1.58
N GLY A 53 -27.86 -4.97 -1.85
CA GLY A 53 -28.31 -5.38 -3.17
C GLY A 53 -27.23 -5.93 -4.07
N ASN A 54 -25.98 -6.00 -3.61
CA ASN A 54 -24.89 -6.52 -4.44
C ASN A 54 -24.88 -8.04 -4.33
N MET A 55 -25.27 -8.72 -5.42
CA MET A 55 -25.31 -10.18 -5.48
C MET A 55 -24.03 -10.78 -6.03
N VAL A 56 -23.01 -9.95 -6.29
CA VAL A 56 -21.80 -10.36 -6.98
C VAL A 56 -20.61 -10.46 -6.05
N HIS A 57 -20.36 -9.41 -5.27
CA HIS A 57 -19.20 -9.40 -4.38
C HIS A 57 -19.57 -8.71 -3.07
N ALA A 58 -18.90 -9.14 -2.01
CA ALA A 58 -18.92 -8.45 -0.72
C ALA A 58 -17.69 -7.55 -0.63
N SER A 59 -17.91 -6.25 -0.36
CA SER A 59 -16.83 -5.28 -0.29
C SER A 59 -17.00 -4.42 0.94
N TYR A 60 -15.98 -4.35 1.79
CA TYR A 60 -16.02 -3.59 3.04
C TYR A 60 -14.85 -2.61 3.07
N LEU A 61 -15.16 -1.36 3.41
CA LEU A 61 -14.17 -0.28 3.38
C LEU A 61 -13.80 0.10 4.80
N LEU A 62 -12.50 0.17 5.08
CA LEU A 62 -11.97 0.65 6.35
C LEU A 62 -11.26 1.97 6.09
N THR A 63 -11.37 2.91 7.03
CA THR A 63 -10.71 4.19 6.84
C THR A 63 -9.97 4.59 8.11
N SER A 64 -8.83 5.25 7.93
CA SER A 64 -8.13 5.89 9.05
C SER A 64 -7.51 7.17 8.50
N GLY A 65 -7.97 8.34 8.96
CA GLY A 65 -7.57 9.58 8.30
C GLY A 65 -7.97 9.51 6.83
N ASP A 66 -7.00 9.71 5.94
CA ASP A 66 -7.24 9.64 4.51
C ASP A 66 -6.99 8.27 3.92
N LEU A 67 -6.52 7.32 4.72
CA LEU A 67 -6.23 5.98 4.24
C LEU A 67 -7.53 5.22 4.03
N ARG A 68 -7.68 4.56 2.88
CA ARG A 68 -8.87 3.77 2.60
C ARG A 68 -8.44 2.37 2.17
N PHE A 69 -8.79 1.36 2.98
CA PHE A 69 -8.55 -0.05 2.65
C PHE A 69 -9.88 -0.71 2.28
N LEU A 70 -9.94 -1.31 1.09
CA LEU A 70 -11.13 -2.00 0.61
C LEU A 70 -10.83 -3.50 0.54
N PHE A 71 -11.75 -4.31 1.08
CA PHE A 71 -11.62 -5.77 1.15
C PHE A 71 -12.78 -6.36 0.38
N THR A 72 -12.49 -7.15 -0.68
CA THR A 72 -13.52 -7.69 -1.54
C THR A 72 -13.33 -9.18 -1.73
N ALA A 73 -14.43 -9.92 -1.73
CA ALA A 73 -14.45 -11.35 -2.01
C ALA A 73 -15.68 -11.68 -2.87
N PRO A 74 -15.60 -12.73 -3.68
CA PRO A 74 -16.76 -13.11 -4.51
C PRO A 74 -17.80 -13.92 -3.75
N TYR A 75 -19.07 -13.69 -4.08
CA TYR A 75 -20.16 -14.61 -3.71
C TYR A 75 -20.19 -15.79 -4.68
N SER A 76 -21.06 -16.77 -4.42
CA SER A 76 -21.31 -17.82 -5.42
C SER A 76 -21.77 -17.17 -6.72
N PRO A 77 -21.20 -17.55 -7.86
CA PRO A 77 -21.69 -17.00 -9.13
C PRO A 77 -23.16 -17.30 -9.36
N SER A 78 -23.71 -18.32 -8.69
CA SER A 78 -25.11 -18.69 -8.87
C SER A 78 -26.06 -17.57 -8.47
N LEU A 79 -25.65 -16.70 -7.53
CA LEU A 79 -26.56 -15.65 -7.08
C LEU A 79 -26.85 -14.65 -8.18
N SER A 80 -25.96 -14.53 -9.16
CA SER A 80 -26.09 -13.51 -10.20
C SER A 80 -26.13 -14.14 -11.59
N ALA A 81 -26.50 -15.42 -11.68
CA ALA A 81 -26.45 -16.15 -12.93
C ALA A 81 -27.32 -15.51 -14.00
N GLY A 82 -28.39 -14.84 -13.60
CA GLY A 82 -29.28 -14.21 -14.57
C GLY A 82 -28.85 -12.85 -15.05
N GLU A 83 -27.80 -12.30 -14.45
CA GLU A 83 -27.36 -10.94 -14.77
C GLU A 83 -26.45 -10.92 -15.98
N ILE A 84 -26.48 -9.81 -16.70
CA ILE A 84 -25.49 -9.50 -17.72
C ILE A 84 -24.82 -8.19 -17.30
N LYS A 85 -23.66 -7.93 -17.90
CA LYS A 85 -22.92 -6.72 -17.51
C LYS A 85 -23.79 -5.48 -17.48
N PRO A 86 -24.68 -5.21 -18.44
CA PRO A 86 -25.58 -4.06 -18.31
C PRO A 86 -26.53 -4.12 -17.12
N THR A 87 -26.88 -5.32 -16.64
CA THR A 87 -27.84 -5.49 -15.55
C THR A 87 -27.17 -5.91 -14.25
N THR A 88 -25.87 -5.66 -14.10
CA THR A 88 -25.15 -6.19 -12.95
C THR A 88 -25.54 -5.44 -11.67
N THR A 89 -25.47 -6.17 -10.55
CA THR A 89 -25.64 -5.57 -9.23
C THR A 89 -24.30 -5.30 -8.56
N ALA A 90 -23.19 -5.62 -9.22
CA ALA A 90 -21.87 -5.33 -8.68
C ALA A 90 -21.67 -3.83 -8.58
N SER A 91 -21.19 -3.37 -7.43
CA SER A 91 -20.89 -1.95 -7.29
C SER A 91 -19.55 -1.59 -7.91
N ILE A 92 -18.65 -2.55 -8.09
CA ILE A 92 -17.39 -2.31 -8.79
C ILE A 92 -17.43 -3.05 -10.12
N PRO A 93 -17.77 -2.36 -11.21
CA PRO A 93 -18.05 -3.07 -12.48
C PRO A 93 -16.86 -3.84 -13.02
N SER A 94 -15.64 -3.51 -12.62
CA SER A 94 -14.51 -4.30 -13.10
C SER A 94 -14.44 -5.69 -12.47
N PHE A 95 -15.21 -5.95 -11.43
CA PHE A 95 -15.07 -7.21 -10.71
C PHE A 95 -15.47 -8.39 -11.61
N ASP A 96 -14.69 -9.46 -11.51
CA ASP A 96 -14.99 -10.70 -12.24
C ASP A 96 -14.76 -11.87 -11.30
N HIS A 97 -15.75 -12.76 -11.18
CA HIS A 97 -15.63 -13.91 -10.28
C HIS A 97 -14.37 -14.72 -10.61
N GLY A 98 -14.20 -15.06 -11.88
CA GLY A 98 -13.09 -15.92 -12.27
C GLY A 98 -11.74 -15.28 -12.03
N SER A 99 -11.61 -14.00 -12.36
CA SER A 99 -10.38 -13.28 -12.06
C SER A 99 -10.08 -13.27 -10.56
N CYS A 100 -11.10 -13.03 -9.74
CA CYS A 100 -10.88 -12.91 -8.31
C CYS A 100 -10.50 -14.26 -7.71
N ARG A 101 -11.21 -15.33 -8.09
CA ARG A 101 -10.86 -16.65 -7.56
C ARG A 101 -9.49 -17.07 -8.06
N SER A 102 -9.18 -16.78 -9.33
CA SER A 102 -7.86 -17.07 -9.88
C SER A 102 -6.78 -16.27 -9.16
N PHE A 103 -7.03 -14.97 -8.92
CA PHE A 103 -6.05 -14.17 -8.19
C PHE A 103 -5.76 -14.77 -6.81
N PHE A 104 -6.81 -15.10 -6.04
CA PHE A 104 -6.57 -15.49 -4.66
C PHE A 104 -5.98 -16.90 -4.58
N SER A 105 -6.38 -17.81 -5.48
CA SER A 105 -5.78 -19.13 -5.43
C SER A 105 -4.32 -19.08 -5.87
N SER A 106 -3.97 -18.14 -6.76
CA SER A 106 -2.61 -18.03 -7.23
C SER A 106 -1.72 -17.33 -6.21
N HIS A 107 -2.18 -16.19 -5.67
CA HIS A 107 -1.35 -15.35 -4.82
C HIS A 107 -1.71 -15.42 -3.35
N GLY A 108 -2.89 -15.93 -3.00
CA GLY A 108 -3.30 -15.75 -1.63
C GLY A 108 -3.72 -14.30 -1.42
N LEU A 109 -3.87 -13.93 -0.15
CA LEU A 109 -4.28 -12.58 0.22
C LEU A 109 -3.28 -11.56 -0.30
N GLY A 110 -3.77 -10.57 -1.05
CA GLY A 110 -2.87 -9.55 -1.53
C GLY A 110 -3.64 -8.40 -2.14
N VAL A 111 -2.90 -7.40 -2.58
CA VAL A 111 -3.48 -6.20 -3.17
C VAL A 111 -3.80 -6.47 -4.62
N ARG A 112 -5.05 -6.23 -5.03
CA ARG A 112 -5.43 -6.29 -6.43
C ARG A 112 -5.30 -4.95 -7.12
N ALA A 113 -5.67 -3.87 -6.44
CA ALA A 113 -5.73 -2.56 -7.09
C ALA A 113 -5.06 -1.49 -6.23
N VAL A 114 -4.18 -0.72 -6.85
CA VAL A 114 -3.68 0.53 -6.28
C VAL A 114 -4.44 1.65 -6.97
N ALA A 115 -5.29 2.35 -6.24
CA ALA A 115 -6.19 3.32 -6.85
C ALA A 115 -5.73 4.73 -6.56
N ILE A 116 -5.58 5.54 -7.62
CA ILE A 116 -5.21 6.94 -7.49
C ILE A 116 -6.34 7.80 -8.04
N GLU A 117 -6.57 8.95 -7.40
CA GLU A 117 -7.60 9.87 -7.86
C GLU A 117 -6.98 10.76 -8.92
N VAL A 118 -7.69 10.93 -10.04
CA VAL A 118 -7.22 11.74 -11.14
C VAL A 118 -8.31 12.75 -11.51
N GLU A 119 -7.96 13.70 -12.39
CA GLU A 119 -8.97 14.67 -12.79
C GLU A 119 -10.03 14.05 -13.68
N ASP A 120 -9.64 13.18 -14.60
CA ASP A 120 -10.56 12.60 -15.58
C ASP A 120 -10.10 11.19 -15.85
N ALA A 121 -10.86 10.20 -15.34
CA ALA A 121 -10.47 8.80 -15.43
C ALA A 121 -10.51 8.29 -16.86
N GLU A 122 -11.47 8.73 -17.67
CA GLU A 122 -11.49 8.30 -19.06
C GLU A 122 -10.28 8.85 -19.82
N SER A 123 -9.96 10.13 -19.62
CA SER A 123 -8.76 10.68 -20.24
C SER A 123 -7.52 9.94 -19.77
N ALA A 124 -7.36 9.77 -18.45
CA ALA A 124 -6.20 9.06 -17.92
C ALA A 124 -6.06 7.68 -18.55
N PHE A 125 -7.18 6.97 -18.74
CA PHE A 125 -7.12 5.64 -19.34
C PHE A 125 -6.69 5.71 -20.81
N SER A 126 -7.29 6.61 -21.56
CA SER A 126 -6.96 6.74 -22.98
C SER A 126 -5.50 7.11 -23.19
N ILE A 127 -5.04 8.17 -22.51
CA ILE A 127 -3.63 8.56 -22.64
C ILE A 127 -2.72 7.43 -22.18
N SER A 128 -3.11 6.70 -21.12
CA SER A 128 -2.26 5.62 -20.64
C SER A 128 -2.10 4.55 -21.69
N VAL A 129 -3.22 4.06 -22.24
CA VAL A 129 -3.16 2.98 -23.22
C VAL A 129 -2.52 3.49 -24.51
N ALA A 130 -2.77 4.74 -24.87
CA ALA A 130 -2.08 5.29 -26.03
C ALA A 130 -0.57 5.34 -25.82
N ASN A 131 -0.12 5.24 -24.56
CA ASN A 131 1.30 5.29 -24.25
C ASN A 131 1.82 3.96 -23.68
N GLY A 132 1.17 2.84 -24.01
CA GLY A 132 1.70 1.52 -23.76
C GLY A 132 1.02 0.74 -22.64
N ALA A 133 0.13 1.37 -21.86
CA ALA A 133 -0.53 0.63 -20.79
C ALA A 133 -1.36 -0.51 -21.35
N ILE A 134 -1.36 -1.63 -20.66
CA ILE A 134 -2.18 -2.79 -21.00
C ILE A 134 -3.55 -2.58 -20.36
N PRO A 135 -4.61 -2.38 -21.12
CA PRO A 135 -5.93 -2.15 -20.53
C PRO A 135 -6.37 -3.34 -19.69
N SER A 136 -6.99 -3.05 -18.57
CA SER A 136 -7.58 -4.07 -17.71
C SER A 136 -9.10 -3.96 -17.65
N SER A 137 -9.62 -2.74 -17.46
CA SER A 137 -11.05 -2.54 -17.47
C SER A 137 -11.30 -1.16 -18.05
N PRO A 138 -12.12 -1.04 -19.08
CA PRO A 138 -12.32 0.27 -19.72
C PRO A 138 -13.02 1.23 -18.77
N PRO A 139 -13.01 2.53 -19.07
CA PRO A 139 -13.68 3.48 -18.18
C PRO A 139 -15.17 3.18 -18.13
N ILE A 140 -15.74 3.25 -16.93
CA ILE A 140 -17.16 3.08 -16.71
C ILE A 140 -17.62 4.21 -15.79
N VAL A 141 -18.74 4.84 -16.13
CA VAL A 141 -19.29 5.93 -15.34
C VAL A 141 -20.35 5.36 -14.40
N LEU A 142 -20.23 5.70 -13.12
CA LEU A 142 -21.09 5.18 -12.07
C LEU A 142 -22.09 6.25 -11.65
N ASN A 143 -23.38 6.01 -11.96
CA ASN A 143 -24.48 6.89 -11.57
C ASN A 143 -24.18 8.36 -11.90
N GLU A 144 -23.63 8.57 -13.11
CA GLU A 144 -23.33 9.91 -13.62
C GLU A 144 -22.55 10.75 -12.60
N ALA A 145 -21.64 10.11 -11.88
CA ALA A 145 -21.00 10.78 -10.74
C ALA A 145 -19.52 10.45 -10.61
N VAL A 146 -19.17 9.17 -10.77
CA VAL A 146 -17.79 8.70 -10.62
C VAL A 146 -17.44 7.85 -11.83
N THR A 147 -16.20 7.99 -12.29
CA THR A 147 -15.67 7.18 -13.38
C THR A 147 -14.47 6.41 -12.87
N ILE A 148 -14.41 5.11 -13.19
CA ILE A 148 -13.27 4.26 -12.83
C ILE A 148 -12.79 3.49 -14.06
N ALA A 149 -11.48 3.36 -14.17
CA ALA A 149 -10.84 2.60 -15.23
C ALA A 149 -9.60 1.94 -14.64
N GLU A 150 -9.16 0.84 -15.27
CA GLU A 150 -8.03 0.09 -14.75
C GLU A 150 -7.06 -0.32 -15.86
N VAL A 151 -5.77 -0.17 -15.57
CA VAL A 151 -4.72 -0.70 -16.45
C VAL A 151 -3.80 -1.61 -15.64
N LYS A 152 -3.12 -2.52 -16.33
CA LYS A 152 -2.18 -3.39 -15.65
C LYS A 152 -0.98 -2.60 -15.12
N LEU A 153 -0.54 -2.94 -13.91
CA LEU A 153 0.61 -2.28 -13.28
C LEU A 153 1.82 -3.20 -13.26
N TYR A 154 1.71 -4.35 -12.60
CA TYR A 154 2.69 -5.42 -12.59
C TYR A 154 2.00 -6.66 -12.05
N GLY A 155 2.47 -7.84 -12.49
CA GLY A 155 1.80 -9.08 -12.13
C GLY A 155 0.31 -9.00 -12.40
N ASP A 156 -0.49 -9.36 -11.39
CA ASP A 156 -1.93 -9.26 -11.46
C ASP A 156 -2.47 -8.07 -10.69
N VAL A 157 -1.62 -7.06 -10.45
CA VAL A 157 -2.00 -5.83 -9.77
C VAL A 157 -2.35 -4.81 -10.83
N VAL A 158 -3.42 -4.04 -10.60
CA VAL A 158 -3.80 -3.00 -11.56
C VAL A 158 -3.69 -1.62 -10.91
N LEU A 159 -3.40 -0.62 -11.75
CA LEU A 159 -3.51 0.77 -11.36
C LEU A 159 -4.92 1.23 -11.70
N ARG A 160 -5.65 1.70 -10.71
CA ARG A 160 -7.06 2.04 -10.87
C ARG A 160 -7.22 3.55 -10.85
N TYR A 161 -7.76 4.12 -11.92
CA TYR A 161 -8.04 5.55 -11.96
C TYR A 161 -9.46 5.82 -11.47
N VAL A 162 -9.60 6.81 -10.59
CA VAL A 162 -10.89 7.26 -10.08
C VAL A 162 -10.98 8.77 -10.27
N SER A 163 -12.08 9.26 -10.84
CA SER A 163 -12.35 10.69 -10.97
C SER A 163 -13.79 10.97 -10.58
N TYR A 164 -14.00 12.12 -9.94
CA TYR A 164 -15.30 12.55 -9.46
C TYR A 164 -15.72 13.83 -10.16
N LYS A 165 -16.98 13.90 -10.57
CA LYS A 165 -17.49 15.14 -11.14
C LYS A 165 -17.56 16.23 -10.06
N ALA A 166 -18.33 15.98 -9.00
CA ALA A 166 -18.42 16.93 -7.90
C ALA A 166 -17.28 16.73 -6.91
N GLU A 173 -20.56 7.40 0.18
CA GLU A 173 -20.03 8.41 -0.73
C GLU A 173 -18.70 7.97 -1.33
N PHE A 174 -18.16 6.86 -0.83
CA PHE A 174 -16.95 6.27 -1.39
C PHE A 174 -17.11 6.05 -2.89
N LEU A 175 -18.09 5.22 -3.26
CA LEU A 175 -18.46 4.93 -4.63
C LEU A 175 -19.97 4.76 -4.66
N PRO A 176 -20.62 5.02 -5.79
CA PRO A 176 -22.05 4.71 -5.89
C PRO A 176 -22.32 3.25 -5.58
N GLY A 177 -23.42 3.00 -4.86
CA GLY A 177 -23.77 1.65 -4.49
C GLY A 177 -23.22 1.19 -3.16
N PHE A 178 -22.28 1.93 -2.58
CA PHE A 178 -21.81 1.65 -1.23
C PHE A 178 -22.66 2.41 -0.23
N GLU A 179 -23.01 1.76 0.87
CA GLU A 179 -23.77 2.40 1.94
C GLU A 179 -22.87 2.68 3.13
N ARG A 180 -23.10 3.80 3.80
CA ARG A 180 -22.42 4.08 5.05
C ARG A 180 -22.89 3.10 6.11
N VAL A 181 -21.98 2.58 6.91
CA VAL A 181 -22.36 1.55 7.85
C VAL A 181 -22.93 2.21 9.09
N GLU A 182 -23.93 1.57 9.69
CA GLU A 182 -24.52 2.09 10.91
C GLU A 182 -23.45 2.25 11.98
N ASP A 183 -23.50 3.36 12.71
CA ASP A 183 -22.44 3.62 13.68
C ASP A 183 -22.53 2.72 14.91
N ALA A 184 -23.64 1.99 15.09
CA ALA A 184 -23.65 0.89 16.04
C ALA A 184 -22.61 -0.16 15.64
N SER A 185 -22.47 -0.42 14.35
CA SER A 185 -21.44 -1.31 13.84
C SER A 185 -20.10 -0.62 13.61
N SER A 186 -20.05 0.71 13.70
CA SER A 186 -18.87 1.49 13.34
C SER A 186 -18.25 2.08 14.61
N PHE A 187 -17.26 1.35 15.18
CA PHE A 187 -16.55 1.76 16.38
C PHE A 187 -15.36 2.66 16.02
N PRO A 188 -15.19 3.86 16.68
CA PRO A 188 -14.23 4.86 16.17
C PRO A 188 -12.79 4.59 16.60
N LEU A 189 -12.27 3.42 16.22
CA LEU A 189 -10.87 3.10 16.45
C LEU A 189 -9.97 4.08 15.71
N ASP A 190 -8.84 4.42 16.32
CA ASP A 190 -7.85 5.27 15.65
C ASP A 190 -6.54 5.17 16.40
N TYR A 191 -5.50 4.65 15.74
CA TYR A 191 -4.18 4.54 16.37
C TYR A 191 -3.21 5.55 15.77
N GLY A 192 -3.70 6.51 15.00
CA GLY A 192 -2.86 7.55 14.45
C GLY A 192 -2.48 7.42 13.00
N ILE A 193 -2.89 6.36 12.31
CA ILE A 193 -2.55 6.28 10.89
C ILE A 193 -3.40 7.25 10.08
N ARG A 194 -2.76 7.92 9.12
CA ARG A 194 -3.45 9.02 8.44
C ARG A 194 -3.48 8.91 6.91
N ARG A 195 -2.47 8.31 6.28
CA ARG A 195 -2.55 8.25 4.81
C ARG A 195 -1.55 7.22 4.27
N LEU A 196 -1.73 6.87 3.00
CA LEU A 196 -0.80 5.99 2.32
C LEU A 196 0.37 6.81 1.79
N ASP A 197 1.59 6.45 2.18
CA ASP A 197 2.78 7.16 1.73
C ASP A 197 3.36 6.57 0.45
N HIS A 198 3.53 5.25 0.38
CA HIS A 198 3.97 4.65 -0.87
C HIS A 198 3.54 3.19 -0.92
N ALA A 199 3.49 2.66 -2.14
CA ALA A 199 3.11 1.28 -2.42
C ALA A 199 4.16 0.67 -3.33
N VAL A 200 4.71 -0.48 -2.94
CA VAL A 200 5.96 -1.01 -3.49
C VAL A 200 5.67 -2.34 -4.18
N GLY A 201 6.15 -2.50 -5.40
CA GLY A 201 6.00 -3.75 -6.13
C GLY A 201 7.30 -4.53 -6.21
N ASN A 202 7.19 -5.86 -6.27
CA ASN A 202 8.33 -6.74 -6.53
C ASN A 202 8.16 -7.34 -7.91
N VAL A 203 9.20 -7.27 -8.74
CA VAL A 203 9.16 -7.87 -10.08
C VAL A 203 10.44 -8.69 -10.30
N PRO A 204 10.41 -9.59 -11.29
CA PRO A 204 11.66 -10.30 -11.64
C PRO A 204 12.71 -9.40 -12.26
N GLU A 205 12.31 -8.46 -13.13
CA GLU A 205 13.25 -7.57 -13.82
C GLU A 205 12.80 -6.13 -13.69
N LEU A 206 13.63 -5.30 -13.04
CA LEU A 206 13.24 -3.93 -12.73
C LEU A 206 13.21 -3.05 -13.97
N GLY A 207 14.16 -3.23 -14.89
CA GLY A 207 14.25 -2.41 -16.07
C GLY A 207 12.97 -2.33 -16.89
N PRO A 208 12.50 -3.49 -17.39
CA PRO A 208 11.26 -3.49 -18.17
C PRO A 208 10.05 -3.01 -17.38
N ALA A 209 10.00 -3.30 -16.09
CA ALA A 209 8.87 -2.82 -15.28
C ALA A 209 8.89 -1.29 -15.18
N LEU A 210 10.05 -0.71 -14.91
CA LEU A 210 10.14 0.75 -14.84
C LEU A 210 9.80 1.38 -16.17
N THR A 211 10.42 0.91 -17.25
CA THR A 211 10.17 1.46 -18.57
C THR A 211 8.68 1.43 -18.90
N TYR A 212 8.01 0.35 -18.53
CA TYR A 212 6.58 0.22 -18.80
C TYR A 212 5.77 1.25 -18.02
N VAL A 213 5.93 1.28 -16.68
CA VAL A 213 5.06 2.15 -15.89
C VAL A 213 5.39 3.61 -16.12
N ALA A 214 6.68 3.97 -16.11
CA ALA A 214 7.03 5.36 -16.40
C ALA A 214 6.60 5.75 -17.81
N GLY A 215 6.51 4.76 -18.71
CA GLY A 215 6.14 5.06 -20.09
C GLY A 215 4.70 5.53 -20.23
N PHE A 216 3.76 4.92 -19.50
CA PHE A 216 2.37 5.29 -19.70
C PHE A 216 1.87 6.34 -18.71
N THR A 217 2.57 6.57 -17.59
CA THR A 217 2.16 7.61 -16.65
C THR A 217 2.90 8.92 -16.83
N GLY A 218 4.17 8.88 -17.25
CA GLY A 218 5.01 10.06 -17.18
C GLY A 218 5.59 10.31 -15.81
N PHE A 219 5.44 9.38 -14.87
CA PHE A 219 6.10 9.52 -13.58
C PHE A 219 7.60 9.51 -13.79
N HIS A 220 8.30 10.29 -12.96
CA HIS A 220 9.73 10.44 -13.03
C HIS A 220 10.40 9.67 -11.90
N GLN A 221 11.69 9.38 -12.07
CA GLN A 221 12.42 8.65 -11.05
C GLN A 221 12.76 9.60 -9.91
N PHE A 222 12.24 9.28 -8.73
CA PHE A 222 12.41 10.11 -7.54
C PHE A 222 13.79 9.89 -6.94
N ALA A 223 14.43 10.99 -6.54
CA ALA A 223 15.76 10.96 -5.94
C ALA A 223 15.84 9.99 -4.76
N GLU A 234 23.84 -2.38 0.07
CA GLU A 234 23.51 -3.40 -0.93
C GLU A 234 23.22 -4.74 -0.26
N SER A 235 21.94 -5.15 -0.27
CA SER A 235 21.54 -6.38 0.43
C SER A 235 20.17 -6.83 -0.08
N GLY A 236 20.17 -7.63 -1.16
CA GLY A 236 19.02 -8.40 -1.59
C GLY A 236 18.31 -7.84 -2.80
N LEU A 237 18.46 -6.55 -3.07
CA LEU A 237 17.54 -5.92 -4.00
C LEU A 237 18.20 -4.80 -4.77
N ASN A 238 17.59 -4.49 -5.90
CA ASN A 238 17.74 -3.20 -6.57
C ASN A 238 16.35 -2.60 -6.71
N SER A 239 16.25 -1.28 -6.57
CA SER A 239 14.95 -0.64 -6.57
C SER A 239 15.06 0.75 -7.18
N ALA A 240 13.88 1.32 -7.45
CA ALA A 240 13.75 2.68 -7.97
C ALA A 240 12.32 3.12 -7.70
N VAL A 241 12.14 4.43 -7.57
CA VAL A 241 10.88 5.01 -7.14
C VAL A 241 10.35 5.93 -8.24
N LEU A 242 9.18 5.59 -8.78
CA LEU A 242 8.46 6.46 -9.69
C LEU A 242 7.54 7.38 -8.91
N ALA A 243 7.46 8.65 -9.33
CA ALA A 243 6.72 9.65 -8.59
C ALA A 243 5.92 10.55 -9.52
N SER A 244 4.77 11.02 -9.03
CA SER A 244 3.96 11.98 -9.76
C SER A 244 4.57 13.38 -9.66
N ASN A 245 3.89 14.35 -10.29
CA ASN A 245 4.43 15.71 -10.41
C ASN A 245 4.77 16.31 -9.05
N ASP A 246 3.85 16.23 -8.09
CA ASP A 246 4.16 16.73 -6.76
C ASP A 246 4.76 15.68 -5.84
N GLU A 247 5.08 14.50 -6.35
CA GLU A 247 5.86 13.49 -5.63
C GLU A 247 5.12 13.00 -4.38
N MET A 248 3.80 12.94 -4.48
CA MET A 248 2.94 12.43 -3.42
C MET A 248 2.30 11.09 -3.75
N VAL A 249 2.24 10.72 -5.03
CA VAL A 249 2.02 9.34 -5.43
C VAL A 249 3.39 8.76 -5.70
N LEU A 250 3.80 7.82 -4.85
CA LEU A 250 5.12 7.21 -4.90
C LEU A 250 4.94 5.72 -5.09
N LEU A 251 5.54 5.20 -6.17
CA LEU A 251 5.39 3.80 -6.56
C LEU A 251 6.77 3.19 -6.76
N PRO A 252 7.42 2.77 -5.68
CA PRO A 252 8.69 2.06 -5.81
C PRO A 252 8.51 0.67 -6.41
N ILE A 253 9.57 0.17 -7.05
CA ILE A 253 9.61 -1.18 -7.62
C ILE A 253 10.96 -1.81 -7.30
N ASN A 254 10.95 -3.10 -6.91
CA ASN A 254 12.15 -3.85 -6.55
C ASN A 254 12.35 -5.05 -7.48
N GLU A 255 13.61 -5.44 -7.65
CA GLU A 255 13.99 -6.72 -8.27
C GLU A 255 15.02 -7.41 -7.38
N PRO A 256 15.13 -8.73 -7.47
CA PRO A 256 16.10 -9.45 -6.63
C PRO A 256 17.54 -9.25 -7.11
N VAL A 257 18.47 -9.40 -6.17
CA VAL A 257 19.90 -9.45 -6.47
C VAL A 257 20.35 -10.87 -6.18
N HIS A 258 20.55 -11.65 -7.23
CA HIS A 258 20.84 -13.08 -7.07
C HIS A 258 22.32 -13.30 -6.75
N GLY A 259 22.62 -14.52 -6.30
CA GLY A 259 23.99 -14.95 -6.11
C GLY A 259 24.64 -14.52 -4.82
N THR A 260 23.88 -14.22 -3.78
CA THR A 260 24.41 -13.76 -2.51
C THR A 260 24.46 -14.92 -1.51
N LYS A 261 25.18 -14.70 -0.41
CA LYS A 261 25.15 -15.65 0.71
C LYS A 261 23.74 -15.84 1.23
N ARG A 262 23.08 -14.73 1.59
CA ARG A 262 21.69 -14.78 2.05
C ARG A 262 20.73 -14.62 0.88
N LYS A 263 19.69 -15.44 0.85
CA LYS A 263 18.74 -15.44 -0.26
C LYS A 263 17.90 -14.17 -0.23
N SER A 264 17.69 -13.58 -1.41
CA SER A 264 16.95 -12.33 -1.50
C SER A 264 15.50 -12.53 -1.05
N GLN A 265 15.03 -11.62 -0.18
CA GLN A 265 13.62 -11.66 0.19
C GLN A 265 12.73 -11.29 -1.00
N ILE A 266 13.26 -10.60 -1.99
CA ILE A 266 12.48 -10.35 -3.21
C ILE A 266 12.23 -11.67 -3.94
N GLN A 267 13.27 -12.49 -4.07
CA GLN A 267 13.11 -13.79 -4.73
C GLN A 267 12.20 -14.71 -3.94
N THR A 268 12.36 -14.73 -2.61
CA THR A 268 11.42 -15.48 -1.78
C THR A 268 9.99 -15.00 -2.02
N TYR A 269 9.79 -13.69 -2.09
CA TYR A 269 8.46 -13.16 -2.43
C TYR A 269 7.96 -13.73 -3.75
N LEU A 270 8.76 -13.58 -4.82
CA LEU A 270 8.31 -14.03 -6.14
C LEU A 270 7.96 -15.52 -6.13
N GLU A 271 8.67 -16.31 -5.34
CA GLU A 271 8.41 -17.75 -5.30
C GLU A 271 7.08 -18.04 -4.61
N HIS A 272 6.84 -17.46 -3.44
CA HIS A 272 5.64 -17.77 -2.67
C HIS A 272 4.40 -17.05 -3.18
N ASN A 273 4.57 -15.94 -3.88
CA ASN A 273 3.47 -15.20 -4.47
C ASN A 273 3.07 -15.72 -5.85
N GLU A 274 3.85 -16.63 -6.42
CA GLU A 274 3.70 -17.01 -7.82
C GLU A 274 3.86 -15.80 -8.74
N GLY A 275 4.96 -15.08 -8.56
CA GLY A 275 5.32 -14.01 -9.47
C GLY A 275 5.20 -12.62 -8.86
N ALA A 276 5.19 -11.64 -9.75
CA ALA A 276 5.22 -10.24 -9.37
C ALA A 276 3.95 -9.83 -8.65
N GLY A 277 4.07 -8.81 -7.79
CA GLY A 277 2.95 -8.35 -7.02
C GLY A 277 3.38 -7.24 -6.07
N LEU A 278 2.41 -6.79 -5.28
CA LEU A 278 2.67 -5.69 -4.36
C LEU A 278 3.36 -6.24 -3.12
N GLN A 279 4.50 -5.65 -2.76
CA GLN A 279 5.30 -6.15 -1.64
C GLN A 279 4.92 -5.49 -0.32
N HIS A 280 4.93 -4.16 -0.24
CA HIS A 280 4.53 -3.54 1.02
C HIS A 280 3.79 -2.23 0.79
N LEU A 281 2.93 -1.91 1.75
CA LEU A 281 2.24 -0.64 1.85
C LEU A 281 2.86 0.13 3.00
N ALA A 282 3.21 1.39 2.79
CA ALA A 282 3.72 2.24 3.87
C ALA A 282 2.64 3.23 4.26
N LEU A 283 2.26 3.20 5.54
CA LEU A 283 1.18 4.03 6.07
C LEU A 283 1.79 5.10 6.97
N MET A 284 1.51 6.37 6.66
CA MET A 284 2.01 7.48 7.45
C MET A 284 1.17 7.63 8.71
N SER A 285 1.85 7.80 9.84
CA SER A 285 1.19 8.06 11.11
C SER A 285 1.53 9.48 11.53
N GLU A 286 0.55 10.16 12.15
CA GLU A 286 0.80 11.47 12.74
C GLU A 286 1.51 11.38 14.08
N ASP A 287 1.73 10.18 14.59
CA ASP A 287 2.42 9.97 15.86
C ASP A 287 2.83 8.51 15.93
N ILE A 288 3.99 8.18 15.35
CA ILE A 288 4.38 6.78 15.21
C ILE A 288 4.58 6.11 16.56
N PHE A 289 4.89 6.89 17.60
CA PHE A 289 5.04 6.25 18.91
C PHE A 289 3.69 5.75 19.42
N ARG A 290 2.64 6.57 19.30
CA ARG A 290 1.31 6.12 19.70
C ARG A 290 0.84 4.96 18.82
N THR A 291 1.10 5.05 17.51
CA THR A 291 0.68 3.97 16.62
C THR A 291 1.32 2.65 17.01
N LEU A 292 2.63 2.65 17.27
CA LEU A 292 3.28 1.38 17.57
C LEU A 292 2.97 0.89 18.98
N ARG A 293 2.73 1.78 19.94
CA ARG A 293 2.24 1.30 21.23
C ARG A 293 0.90 0.59 21.08
N GLU A 294 -0.02 1.20 20.32
CA GLU A 294 -1.36 0.64 20.14
C GLU A 294 -1.33 -0.66 19.35
N MET A 295 -0.55 -0.73 18.26
CA MET A 295 -0.49 -1.95 17.46
C MET A 295 0.19 -3.09 18.23
N ARG A 296 1.27 -2.78 18.98
CA ARG A 296 1.98 -3.84 19.68
C ARG A 296 1.17 -4.41 20.83
N LYS A 297 0.34 -3.57 21.46
CA LYS A 297 -0.59 -4.07 22.47
C LYS A 297 -1.47 -5.18 21.93
N ARG A 298 -1.75 -5.16 20.64
CA ARG A 298 -2.73 -6.05 20.04
C ARG A 298 -2.09 -7.17 19.23
N SER A 299 -0.75 -7.21 19.14
CA SER A 299 -0.11 -8.22 18.29
C SER A 299 -0.60 -9.63 18.59
N SER A 300 -0.70 -9.99 19.87
CA SER A 300 -1.02 -11.35 20.24
C SER A 300 -2.50 -11.55 20.56
N ILE A 301 -3.33 -10.54 20.34
CA ILE A 301 -4.77 -10.67 20.49
C ILE A 301 -5.49 -10.25 19.21
N GLY A 302 -4.97 -10.69 18.07
CA GLY A 302 -5.66 -10.58 16.81
C GLY A 302 -5.08 -9.56 15.85
N GLY A 303 -4.14 -8.73 16.30
CA GLY A 303 -3.55 -7.72 15.42
C GLY A 303 -2.33 -8.21 14.65
N PHE A 304 -1.32 -7.36 14.50
CA PHE A 304 -0.19 -7.63 13.63
C PHE A 304 1.09 -7.77 14.45
N ASP A 305 1.96 -8.67 14.01
CA ASP A 305 3.28 -8.84 14.58
C ASP A 305 4.29 -7.96 13.85
N PHE A 306 5.36 -7.60 14.53
CA PHE A 306 6.40 -6.79 13.90
C PHE A 306 7.68 -7.59 13.75
N MET A 307 8.50 -7.16 12.79
CA MET A 307 9.79 -7.79 12.57
C MET A 307 10.63 -7.66 13.84
N PRO A 308 11.60 -8.55 14.04
CA PRO A 308 12.39 -8.50 15.28
C PRO A 308 13.10 -7.16 15.44
N SER A 309 13.17 -6.70 16.67
CA SER A 309 13.78 -5.41 16.96
C SER A 309 15.29 -5.47 16.67
N PRO A 310 15.90 -4.33 16.34
CA PRO A 310 17.35 -4.30 16.14
C PRO A 310 18.07 -4.40 17.47
N PRO A 311 19.37 -4.73 17.46
CA PRO A 311 20.09 -4.89 18.73
C PRO A 311 20.35 -3.56 19.40
N PRO A 312 20.61 -3.55 20.71
CA PRO A 312 20.91 -2.29 21.40
C PRO A 312 22.06 -1.52 20.80
N THR A 313 23.02 -2.19 20.16
CA THR A 313 24.11 -1.47 19.50
C THR A 313 23.59 -0.47 18.48
N TYR A 314 22.52 -0.84 17.76
CA TYR A 314 21.84 0.11 16.88
C TYR A 314 21.44 1.37 17.64
N TYR A 315 20.64 1.21 18.70
CA TYR A 315 20.17 2.36 19.44
C TYR A 315 21.29 3.08 20.17
N GLN A 316 22.42 2.40 20.43
CA GLN A 316 23.59 3.09 20.95
C GLN A 316 24.15 4.06 19.93
N ASN A 317 24.14 3.68 18.64
CA ASN A 317 24.76 4.47 17.59
C ASN A 317 23.83 5.50 16.96
N LEU A 318 22.59 5.65 17.46
CA LEU A 318 21.72 6.66 16.88
C LEU A 318 22.06 8.06 17.34
N LYS A 319 22.57 8.20 18.57
CA LYS A 319 22.88 9.52 19.12
C LYS A 319 23.75 10.32 18.16
N LYS A 320 24.77 9.69 17.60
CA LYS A 320 25.71 10.32 16.69
C LYS A 320 25.17 10.46 15.26
N ARG A 321 23.86 10.34 15.04
CA ARG A 321 23.32 10.47 13.70
C ARG A 321 22.00 11.23 13.67
N VAL A 322 21.18 11.05 14.71
CA VAL A 322 19.87 11.70 14.74
C VAL A 322 19.72 12.48 16.04
N GLY A 323 20.77 12.51 16.85
CA GLY A 323 20.74 13.23 18.13
C GLY A 323 20.33 14.68 18.01
N ASP A 324 20.39 15.24 16.80
CA ASP A 324 19.99 16.62 16.54
C ASP A 324 18.50 16.78 16.28
N VAL A 325 17.80 15.69 15.94
CA VAL A 325 16.38 15.74 15.66
C VAL A 325 15.54 15.11 16.76
N LEU A 326 16.05 14.09 17.44
CA LEU A 326 15.32 13.38 18.48
C LEU A 326 16.02 13.52 19.82
N SER A 327 15.23 13.71 20.88
CA SER A 327 15.81 13.82 22.22
C SER A 327 16.26 12.44 22.71
N ASP A 328 16.98 12.45 23.83
CA ASP A 328 17.44 11.19 24.40
C ASP A 328 16.28 10.35 24.91
N ASP A 329 15.21 10.97 25.38
CA ASP A 329 14.03 10.22 25.77
C ASP A 329 13.39 9.54 24.57
N GLN A 330 13.19 10.29 23.49
CA GLN A 330 12.51 9.74 22.31
C GLN A 330 13.33 8.63 21.66
N ILE A 331 14.65 8.82 21.55
CA ILE A 331 15.49 7.76 20.98
C ILE A 331 15.42 6.51 21.83
N LYS A 332 15.32 6.65 23.16
CA LYS A 332 15.06 5.48 23.99
C LYS A 332 13.65 4.96 23.79
N GLU A 333 12.69 5.85 23.55
CA GLU A 333 11.34 5.43 23.22
C GLU A 333 11.28 4.69 21.88
N CYS A 334 12.15 5.05 20.94
CA CYS A 334 12.31 4.24 19.73
C CYS A 334 12.81 2.85 20.08
N GLU A 335 13.68 2.75 21.11
CA GLU A 335 14.29 1.46 21.42
C GLU A 335 13.26 0.47 21.95
N GLU A 336 12.33 0.95 22.78
CA GLU A 336 11.31 0.05 23.30
C GLU A 336 10.44 -0.51 22.18
N LEU A 337 10.02 0.36 21.26
CA LEU A 337 9.11 0.00 20.19
C LEU A 337 9.81 -0.66 18.99
N GLY A 338 11.12 -0.63 18.94
CA GLY A 338 11.85 -1.22 17.83
C GLY A 338 11.85 -0.38 16.58
N ILE A 339 11.65 0.93 16.70
CA ILE A 339 11.60 1.81 15.55
C ILE A 339 13.00 1.97 14.96
N LEU A 340 13.08 1.99 13.63
CA LEU A 340 14.30 2.32 12.92
C LEU A 340 14.25 3.78 12.50
N VAL A 341 15.42 4.41 12.37
CA VAL A 341 15.52 5.80 11.96
C VAL A 341 16.59 5.93 10.88
N ASP A 342 16.27 6.68 9.82
CA ASP A 342 17.23 6.99 8.77
C ASP A 342 17.15 8.47 8.46
N ARG A 343 18.19 8.97 7.79
CA ARG A 343 18.36 10.39 7.54
C ARG A 343 18.72 10.65 6.09
N ASP A 344 17.99 11.58 5.46
CA ASP A 344 18.29 12.11 4.14
C ASP A 344 19.22 13.32 4.30
N ASP A 345 19.34 14.13 3.26
CA ASP A 345 19.93 15.47 3.38
C ASP A 345 18.87 16.55 3.55
N GLN A 346 17.60 16.16 3.54
CA GLN A 346 16.49 17.09 3.64
C GLN A 346 15.56 16.80 4.81
N GLY A 347 15.51 15.54 5.27
CA GLY A 347 14.64 15.17 6.39
C GLY A 347 15.10 13.88 7.05
N THR A 348 14.31 13.47 8.04
CA THR A 348 14.55 12.28 8.84
C THR A 348 13.34 11.36 8.75
N LEU A 349 13.58 10.05 8.82
CA LEU A 349 12.50 9.08 8.65
C LEU A 349 12.47 8.08 9.80
N LEU A 350 11.30 7.93 10.42
CA LEU A 350 11.02 6.88 11.40
C LEU A 350 10.23 5.77 10.73
N GLN A 351 10.66 4.51 10.89
CA GLN A 351 10.00 3.41 10.18
C GLN A 351 10.12 2.08 10.92
N ILE A 352 9.13 1.21 10.70
CA ILE A 352 9.14 -0.14 11.24
C ILE A 352 8.27 -1.00 10.33
N PHE A 353 8.55 -2.29 10.31
CA PHE A 353 7.91 -3.22 9.38
C PHE A 353 7.16 -4.30 10.15
N THR A 354 5.96 -4.64 9.67
CA THR A 354 5.25 -5.80 10.22
C THR A 354 5.79 -7.08 9.62
N LYS A 355 5.50 -8.19 10.31
CA LYS A 355 5.57 -9.49 9.69
C LYS A 355 4.52 -9.59 8.59
N PRO A 356 4.62 -10.58 7.70
CA PRO A 356 3.63 -10.70 6.62
C PRO A 356 2.20 -10.73 7.15
N LEU A 357 1.30 -10.09 6.38
CA LEU A 357 -0.08 -9.92 6.81
C LEU A 357 -0.88 -11.21 6.76
N GLY A 358 -0.47 -12.18 5.95
CA GLY A 358 -1.22 -13.42 5.87
C GLY A 358 -0.35 -14.64 5.96
N ASP A 359 -0.82 -15.77 5.39
CA ASP A 359 -0.11 -17.05 5.50
C ASP A 359 1.23 -17.00 4.78
N ARG A 360 1.31 -16.29 3.66
CA ARG A 360 2.50 -16.42 2.85
C ARG A 360 3.50 -15.31 3.17
N PRO A 361 4.86 -15.59 2.95
CA PRO A 361 5.87 -14.53 3.18
C PRO A 361 5.92 -13.57 2.00
N THR A 362 4.86 -12.79 1.86
CA THR A 362 4.69 -11.92 0.70
C THR A 362 4.45 -10.49 1.15
N ILE A 363 3.18 -10.09 1.28
CA ILE A 363 2.87 -8.69 1.57
C ILE A 363 3.06 -8.39 3.05
N PHE A 364 3.60 -7.21 3.35
CA PHE A 364 3.68 -6.71 4.71
C PHE A 364 3.40 -5.21 4.72
N ILE A 365 3.33 -4.63 5.92
CA ILE A 365 3.05 -3.22 6.06
C ILE A 365 4.23 -2.54 6.73
N GLU A 366 4.48 -1.29 6.33
CA GLU A 366 5.46 -0.43 6.97
C GLU A 366 4.72 0.73 7.62
N ILE A 367 5.07 1.05 8.87
CA ILE A 367 4.57 2.26 9.49
C ILE A 367 5.69 3.29 9.45
N ILE A 368 5.37 4.53 9.10
CA ILE A 368 6.39 5.55 8.96
C ILE A 368 5.88 6.89 9.50
N GLN A 369 6.83 7.72 9.88
CA GLN A 369 6.59 9.13 10.12
C GLN A 369 7.80 9.88 9.60
N ARG A 370 7.53 11.00 8.93
CA ARG A 370 8.56 11.84 8.32
C ARG A 370 8.64 13.18 9.04
N VAL A 371 9.87 13.68 9.21
CA VAL A 371 10.09 14.94 9.89
C VAL A 371 11.08 15.76 9.06
N GLY A 372 10.64 16.95 8.61
CA GLY A 372 11.41 17.87 7.81
C GLY A 372 10.63 18.35 6.60
N CYS A 373 11.34 19.00 5.67
CA CYS A 373 10.83 19.38 4.35
C CYS A 373 9.47 20.06 4.43
N MET A 374 9.41 21.12 5.22
CA MET A 374 8.17 21.86 5.39
C MET A 374 8.20 23.14 4.58
N MET A 375 7.00 23.63 4.28
CA MET A 375 6.74 25.04 3.97
C MET A 375 5.30 25.25 3.55
N TYR A 383 2.85 22.70 4.62
CA TYR A 383 2.72 21.32 4.18
C TYR A 383 4.11 20.66 4.05
N GLN A 384 4.12 19.32 3.97
CA GLN A 384 5.34 18.52 3.87
C GLN A 384 5.51 17.98 2.46
N SER A 385 6.72 18.09 1.93
CA SER A 385 7.02 17.58 0.59
C SER A 385 7.25 16.06 0.63
N GLY A 386 6.91 15.41 -0.47
CA GLY A 386 6.91 13.96 -0.49
C GLY A 386 8.30 13.35 -0.43
N GLY A 387 8.37 12.17 0.19
CA GLY A 387 9.61 11.43 0.26
C GLY A 387 10.61 11.98 1.25
N CYS A 388 10.21 12.97 2.04
CA CYS A 388 11.05 13.61 3.03
C CYS A 388 11.78 12.59 3.91
N GLY A 389 13.08 12.44 3.71
CA GLY A 389 13.85 11.46 4.45
C GLY A 389 14.18 10.22 3.66
N GLY A 390 13.56 10.04 2.50
CA GLY A 390 13.82 8.87 1.70
C GLY A 390 12.96 7.69 2.12
N PHE A 391 13.52 6.49 1.96
CA PHE A 391 12.78 5.26 2.21
C PHE A 391 13.52 4.33 3.14
N GLY A 392 14.64 4.78 3.71
CA GLY A 392 15.34 4.00 4.71
C GLY A 392 16.42 3.11 4.16
N LYS A 393 16.95 3.43 2.97
CA LYS A 393 17.97 2.58 2.36
C LYS A 393 19.21 2.46 3.24
N GLY A 394 19.54 3.52 3.97
CA GLY A 394 20.73 3.50 4.81
C GLY A 394 20.63 2.59 6.01
N ASN A 395 19.41 2.22 6.41
CA ASN A 395 19.23 1.33 7.56
C ASN A 395 19.74 -0.08 7.32
N PHE A 396 20.07 -0.43 6.06
CA PHE A 396 20.63 -1.76 5.81
C PHE A 396 22.03 -1.89 6.37
N SER A 397 22.93 -0.98 6.00
CA SER A 397 24.31 -1.08 6.46
C SER A 397 24.42 -0.77 7.94
N GLU A 398 23.58 0.15 8.45
CA GLU A 398 23.55 0.40 9.89
C GLU A 398 23.14 -0.84 10.65
N LEU A 399 22.15 -1.59 10.13
CA LEU A 399 21.75 -2.83 10.75
C LEU A 399 22.87 -3.86 10.70
N PHE A 400 23.51 -4.01 9.54
CA PHE A 400 24.63 -4.92 9.42
C PHE A 400 25.75 -4.56 10.39
N LYS A 401 26.08 -3.27 10.49
CA LYS A 401 27.14 -2.83 11.38
C LYS A 401 26.77 -3.08 12.85
N SER A 402 25.52 -2.86 13.21
CA SER A 402 25.09 -3.11 14.59
C SER A 402 25.12 -4.60 14.92
N ILE A 403 24.79 -5.45 13.94
CA ILE A 403 24.86 -6.89 14.18
C ILE A 403 26.31 -7.34 14.29
N GLU A 404 27.20 -6.74 13.50
CA GLU A 404 28.63 -7.06 13.61
C GLU A 404 29.20 -6.58 14.94
N GLU A 405 28.60 -5.57 15.56
CA GLU A 405 29.09 -4.99 16.80
C GLU A 405 28.37 -5.50 18.03
N TYR A 406 27.29 -6.28 17.88
CA TYR A 406 26.63 -6.84 19.05
C TYR A 406 27.27 -8.13 19.52
N GLU A 407 28.07 -8.78 18.68
CA GLU A 407 28.90 -9.90 19.10
C GLU A 407 30.26 -9.44 19.61
N LYS A 408 30.33 -8.25 20.21
CA LYS A 408 31.58 -7.69 20.68
C LYS A 408 31.37 -6.87 21.94
CO CO B . 9.07 1.49 2.25
C10 OAY C . 13.36 -4.48 4.85
C13 OAY C . 14.18 -6.62 6.02
C15 OAY C . 16.55 -2.08 6.83
C17 OAY C . 12.08 0.62 1.05
C22 OAY C . 13.30 0.49 0.40
C24 OAY C . 11.47 2.47 -1.98
C26 OAY C . 15.83 -0.51 0.01
C28 OAY C . 14.33 -7.45 4.71
C1 OAY C . 12.66 -0.68 3.38
C2 OAY C . 13.77 0.08 4.09
C3 OAY C . 14.73 -0.67 5.03
C4 OAY C . 14.56 -2.20 5.27
C5 OAY C . 13.48 -2.97 4.58
C6 OAY C . 12.49 -2.20 3.61
N7 OAY C . 15.51 -2.89 6.19
C8 OAY C . 15.39 -4.36 6.44
N9 OAY C . 14.29 -5.17 5.76
C11 OAY C . 11.33 -2.90 2.87
O12 OAY C . 12.50 -5.10 4.32
O14 OAY C . 16.15 -4.90 7.18
C16 OAY C . 11.69 0.08 2.45
O18 OAY C . 10.60 0.34 2.86
C19 OAY C . 11.27 1.38 0.25
N20 OAY C . 11.96 1.68 -0.87
N21 OAY C . 13.23 1.11 -0.77
O23 OAY C . 9.94 1.78 0.49
C25 OAY C . 14.55 -0.27 0.84
C27 OAY C . 14.97 -1.68 0.50
C29 OAY C . 15.65 -7.30 3.96
C30 OAY C . 15.36 -8.59 4.73
#